data_3G4T
#
_entry.id   3G4T
#
_cell.length_a   100.764
_cell.length_b   79.600
_cell.length_c   99.409
_cell.angle_alpha   90.00
_cell.angle_beta   90.00
_cell.angle_gamma   90.00
#
_symmetry.space_group_name_H-M   'P 21 21 2'
#
loop_
_entity.id
_entity.type
_entity.pdbx_description
1 polymer Exodeoxyribonuclease
2 polymer "5'-D(*CP*GP*TP*AP*(UPS)P*TP*AP*CP*G)-3'"
3 polymer "5'-D(*CP*G*TP*AP*CP*TP*AP*CP*G)-3'"
4 non-polymer 'PHOSPHATE ION'
5 non-polymer 'MAGNESIUM ION'
6 water water
#
loop_
_entity_poly.entity_id
_entity_poly.type
_entity_poly.pdbx_seq_one_letter_code
_entity_poly.pdbx_strand_id
1 'polypeptide(L)'
;MAVLKIISWNVNGLRAVHRKGFLKWFMEEKPDILCLQEIKAAPEQLPRKLRHVEGYRSFFTPAERKGYSGVAMYTKVPPS
SLREGFGVERFDTEGRIQIADFDDFLLYNIYFPNGKMSEERLKYKLEFYDAFLEDVNRERDSGRNVIICGDFNTAHREID
LARPKENSNVSGFLPVERAWIDKFIENGYVDTFRMFNSDPGQYTWWSYRTRARERNVGWRLDYFFVNEEFKGKVKRSWIL
SDVMGSDHCPIGLEIELLEHHHHHH
;
A,B
2 'polydeoxyribonucleotide' (DC)(DG)(DT)(DA)(UPS)(DT)(DA)(DC)(DG) H
3 'polydeoxyribonucleotide' (DC)(DG)(DT)(DA)(DC)(DT)(DA)(DC)(DG) I
#
loop_
_chem_comp.id
_chem_comp.type
_chem_comp.name
_chem_comp.formula
DA DNA linking 2'-DEOXYADENOSINE-5'-MONOPHOSPHATE 'C10 H14 N5 O6 P'
DC DNA linking 2'-DEOXYCYTIDINE-5'-MONOPHOSPHATE 'C9 H14 N3 O7 P'
DG DNA linking 2'-DEOXYGUANOSINE-5'-MONOPHOSPHATE 'C10 H14 N5 O7 P'
DT DNA linking THYMIDINE-5'-MONOPHOSPHATE 'C10 H15 N2 O8 P'
MG non-polymer 'MAGNESIUM ION' 'Mg 2'
PO4 non-polymer 'PHOSPHATE ION' 'O4 P -3'
UPS DNA linking 2'-deoxy-5'-O-thiophosphonouridine 'C9 H13 N2 O7 P S'
#
# COMPACT_ATOMS: atom_id res chain seq x y z
N VAL A 3 -21.45 31.78 -18.10
CA VAL A 3 -20.29 31.19 -18.86
C VAL A 3 -19.25 30.48 -17.98
N LEU A 4 -19.56 29.27 -17.55
CA LEU A 4 -18.73 28.52 -16.61
C LEU A 4 -17.87 27.44 -17.28
N LYS A 5 -16.57 27.45 -17.04
CA LYS A 5 -15.69 26.40 -17.56
C LYS A 5 -15.26 25.41 -16.47
N ILE A 6 -15.61 24.13 -16.67
CA ILE A 6 -15.26 23.04 -15.77
C ILE A 6 -14.32 22.05 -16.48
N ILE A 7 -13.25 21.64 -15.80
CA ILE A 7 -12.33 20.64 -16.33
C ILE A 7 -12.26 19.42 -15.41
N SER A 8 -12.26 18.24 -16.02
CA SER A 8 -12.12 16.98 -15.28
C SER A 8 -10.83 16.28 -15.74
N TRP A 9 -10.06 15.75 -14.79
CA TRP A 9 -8.78 15.10 -15.13
C TRP A 9 -8.39 14.04 -14.13
N ASN A 10 -8.16 12.83 -14.63
CA ASN A 10 -7.60 11.75 -13.80
C ASN A 10 -6.12 11.94 -13.95
N VAL A 11 -5.53 12.36 -12.85
CA VAL A 11 -4.29 13.05 -12.91
C VAL A 11 -3.13 12.09 -12.63
N ASN A 12 -3.47 10.91 -12.13
CA ASN A 12 -2.54 9.83 -11.84
C ASN A 12 -1.42 10.18 -10.88
N GLY A 13 -1.80 10.69 -9.73
CA GLY A 13 -0.84 11.18 -8.76
C GLY A 13 -0.67 12.68 -8.90
N LEU A 14 -1.26 13.41 -7.97
CA LEU A 14 -1.14 14.85 -7.99
C LEU A 14 0.30 15.31 -7.82
N ARG A 15 1.06 14.66 -6.94
CA ARG A 15 2.47 15.03 -6.75
C ARG A 15 3.22 14.81 -8.04
N ALA A 16 2.88 13.73 -8.74
CA ALA A 16 3.49 13.46 -10.06
C ALA A 16 3.24 14.55 -11.10
N VAL A 17 1.98 14.96 -11.32
CA VAL A 17 1.69 16.02 -12.31
C VAL A 17 2.28 17.37 -11.94
N HIS A 18 2.27 17.67 -10.64
CA HIS A 18 2.96 18.83 -10.10
C HIS A 18 4.40 18.89 -10.60
N ARG A 19 5.15 17.79 -10.46
CA ARG A 19 6.52 17.69 -10.99
C ARG A 19 6.61 17.84 -12.50
N LYS A 20 5.48 17.71 -13.21
CA LYS A 20 5.45 17.94 -14.66
C LYS A 20 4.78 19.29 -15.04
N GLY A 21 4.69 20.22 -14.09
CA GLY A 21 4.17 21.56 -14.39
C GLY A 21 2.66 21.70 -14.44
N PHE A 22 1.97 20.93 -13.61
CA PHE A 22 0.51 21.01 -13.48
C PHE A 22 0.02 22.42 -13.17
N LEU A 23 0.64 23.08 -12.20
CA LEU A 23 0.24 24.43 -11.82
C LEU A 23 0.34 25.41 -12.99
N LYS A 24 1.36 25.23 -13.83
CA LYS A 24 1.57 26.10 -14.99
C LYS A 24 0.37 25.95 -15.92
N TRP A 25 0.04 24.72 -16.27
CA TRP A 25 -1.15 24.44 -17.07
C TRP A 25 -2.42 25.02 -16.42
N PHE A 26 -2.55 24.85 -15.12
CA PHE A 26 -3.68 25.36 -14.35
C PHE A 26 -3.72 26.89 -14.37
N MET A 27 -2.55 27.53 -14.43
CA MET A 27 -2.45 29.00 -14.57
C MET A 27 -2.98 29.40 -15.96
N GLU A 28 -2.49 28.71 -16.99
CA GLU A 28 -2.82 29.01 -18.39
C GLU A 28 -4.29 28.76 -18.68
N GLU A 29 -4.73 27.52 -18.55
CA GLU A 29 -6.14 27.22 -18.61
C GLU A 29 -6.71 27.83 -17.36
N LYS A 30 -7.67 28.75 -17.48
CA LYS A 30 -8.31 29.27 -16.28
C LYS A 30 -9.70 28.69 -16.18
N PRO A 31 -9.84 27.53 -15.52
CA PRO A 31 -11.20 27.02 -15.35
C PRO A 31 -11.85 27.62 -14.12
N ASP A 32 -13.17 27.61 -14.09
CA ASP A 32 -13.91 28.10 -12.95
C ASP A 32 -13.99 26.99 -11.91
N ILE A 33 -13.99 25.77 -12.39
CA ILE A 33 -13.88 24.60 -11.53
C ILE A 33 -12.88 23.63 -12.16
N LEU A 34 -12.09 22.99 -11.30
CA LEU A 34 -11.19 21.92 -11.70
C LEU A 34 -11.49 20.70 -10.86
N CYS A 35 -11.82 19.61 -11.54
CA CYS A 35 -12.10 18.35 -10.87
C CYS A 35 -10.98 17.37 -11.17
N LEU A 36 -10.45 16.73 -10.13
CA LEU A 36 -9.33 15.80 -10.29
C LEU A 36 -9.65 14.45 -9.68
N GLN A 37 -9.19 13.40 -10.33
CA GLN A 37 -9.30 12.04 -9.79
C GLN A 37 -7.93 11.42 -9.73
N GLU A 38 -7.75 10.44 -8.83
CA GLU A 38 -6.49 9.72 -8.56
C GLU A 38 -5.39 10.66 -8.08
N ILE A 39 -5.72 11.46 -7.08
CA ILE A 39 -4.73 12.37 -6.53
C ILE A 39 -3.64 11.61 -5.80
N LYS A 40 -4.00 10.46 -5.22
CA LYS A 40 -3.06 9.50 -4.60
C LYS A 40 -2.23 10.13 -3.50
N ALA A 41 -2.90 10.84 -2.61
CA ALA A 41 -2.23 11.59 -1.58
C ALA A 41 -3.22 12.09 -0.55
N ALA A 42 -2.74 12.19 0.68
CA ALA A 42 -3.43 12.95 1.72
C ALA A 42 -2.98 14.40 1.60
N PRO A 43 -3.87 15.35 1.92
CA PRO A 43 -3.51 16.76 1.85
C PRO A 43 -2.15 17.05 2.49
N GLU A 44 -1.92 16.50 3.68
CA GLU A 44 -0.69 16.77 4.43
C GLU A 44 0.59 16.39 3.65
N GLN A 45 0.47 15.44 2.74
CA GLN A 45 1.61 15.05 1.90
C GLN A 45 1.83 16.01 0.73
N LEU A 46 0.92 16.96 0.54
CA LEU A 46 0.98 17.84 -0.62
C LEU A 46 1.74 19.13 -0.36
N PRO A 47 2.57 19.57 -1.33
CA PRO A 47 3.20 20.86 -1.23
C PRO A 47 2.21 21.99 -1.08
N ARG A 48 2.63 23.04 -0.38
CA ARG A 48 1.79 24.16 -0.04
C ARG A 48 1.24 24.90 -1.25
N LYS A 49 2.03 24.98 -2.32
CA LYS A 49 1.60 25.59 -3.58
C LYS A 49 0.44 24.84 -4.24
N LEU A 50 0.33 23.54 -3.97
CA LEU A 50 -0.80 22.73 -4.43
C LEU A 50 -2.00 22.79 -3.49
N ARG A 51 -1.76 22.85 -2.19
CA ARG A 51 -2.86 22.87 -1.23
C ARG A 51 -3.67 24.15 -1.42
N HIS A 52 -2.99 25.28 -1.53
CA HIS A 52 -3.69 26.51 -1.83
C HIS A 52 -3.19 27.16 -3.11
N VAL A 53 -4.16 27.56 -3.94
CA VAL A 53 -3.89 28.21 -5.21
C VAL A 53 -4.70 29.51 -5.29
N GLU A 54 -4.01 30.63 -5.56
CA GLU A 54 -4.64 31.98 -5.66
C GLU A 54 -5.94 31.98 -6.47
N GLY A 55 -7.01 32.48 -5.85
CA GLY A 55 -8.28 32.63 -6.52
C GLY A 55 -9.19 31.43 -6.40
N TYR A 56 -8.70 30.35 -5.79
CA TYR A 56 -9.49 29.13 -5.67
C TYR A 56 -9.66 28.65 -4.26
N ARG A 57 -10.79 28.02 -3.99
CA ARG A 57 -10.97 27.22 -2.80
C ARG A 57 -10.78 25.73 -3.11
N SER A 58 -9.93 25.07 -2.33
CA SER A 58 -9.56 23.69 -2.61
C SER A 58 -10.20 22.69 -1.65
N PHE A 59 -10.73 21.60 -2.20
CA PHE A 59 -11.33 20.52 -1.40
C PHE A 59 -10.68 19.20 -1.76
N PHE A 60 -10.20 18.50 -0.74
CA PHE A 60 -9.55 17.23 -0.92
C PHE A 60 -10.31 16.12 -0.20
N THR A 61 -10.54 15.03 -0.92
CA THR A 61 -11.21 13.86 -0.37
C THR A 61 -10.32 12.65 -0.63
N PRO A 62 -9.36 12.40 0.27
CA PRO A 62 -8.46 11.25 0.12
C PRO A 62 -9.11 9.95 0.50
N ALA A 63 -8.55 8.85 0.04
CA ALA A 63 -8.90 7.52 0.53
C ALA A 63 -8.30 7.27 1.91
N GLU A 64 -9.00 6.51 2.74
CA GLU A 64 -8.40 5.97 3.96
C GLU A 64 -7.09 5.28 3.69
N ARG A 65 -7.06 4.44 2.67
CA ARG A 65 -5.80 3.84 2.25
C ARG A 65 -4.83 4.89 1.70
N LYS A 66 -3.60 4.87 2.21
CA LYS A 66 -2.60 5.90 1.95
C LYS A 66 -2.14 5.74 0.53
N GLY A 67 -2.08 6.86 -0.22
CA GLY A 67 -1.55 6.89 -1.58
C GLY A 67 -2.40 6.25 -2.66
N TYR A 68 -3.67 6.01 -2.33
CA TYR A 68 -4.62 5.34 -3.21
C TYR A 68 -5.80 6.27 -3.55
N SER A 69 -6.26 6.24 -4.79
CA SER A 69 -7.50 6.91 -5.15
C SER A 69 -7.47 8.40 -4.76
N GLY A 70 -8.58 8.95 -4.29
CA GLY A 70 -8.65 10.34 -3.91
C GLY A 70 -9.09 11.27 -5.02
N VAL A 71 -9.93 12.23 -4.66
CA VAL A 71 -10.38 13.27 -5.58
C VAL A 71 -10.17 14.64 -4.98
N ALA A 72 -10.08 15.63 -5.85
CA ALA A 72 -9.91 16.99 -5.42
C ALA A 72 -10.71 17.91 -6.31
N MET A 73 -11.16 19.02 -5.75
CA MET A 73 -11.86 20.04 -6.50
C MET A 73 -11.29 21.41 -6.17
N TYR A 74 -10.99 22.17 -7.20
CA TYR A 74 -10.64 23.56 -7.07
C TYR A 74 -11.80 24.41 -7.62
N THR A 75 -12.27 25.37 -6.83
CA THR A 75 -13.34 26.23 -7.30
C THR A 75 -13.16 27.72 -7.00
N LYS A 76 -13.24 28.56 -8.03
CA LYS A 76 -13.27 30.03 -7.90
C LYS A 76 -14.42 30.55 -7.04
N VAL A 77 -15.55 29.85 -7.08
CA VAL A 77 -16.71 30.21 -6.27
C VAL A 77 -17.08 29.02 -5.41
N PRO A 78 -17.07 29.18 -4.08
CA PRO A 78 -17.44 28.11 -3.13
C PRO A 78 -18.83 27.52 -3.36
N PRO A 79 -18.99 26.21 -3.09
CA PRO A 79 -20.28 25.56 -3.10
C PRO A 79 -21.02 25.81 -1.79
N SER A 80 -22.33 25.62 -1.78
CA SER A 80 -23.13 25.70 -0.54
C SER A 80 -22.71 24.59 0.41
N SER A 81 -22.44 23.41 -0.13
CA SER A 81 -21.99 22.29 0.67
C SER A 81 -21.18 21.35 -0.20
N LEU A 82 -20.66 20.30 0.44
CA LEU A 82 -19.84 19.32 -0.22
C LEU A 82 -19.99 17.99 0.47
N ARG A 83 -20.77 17.10 -0.14
CA ARG A 83 -20.95 15.75 0.36
C ARG A 83 -19.86 14.83 -0.21
N GLU A 84 -19.29 13.99 0.65
CA GLU A 84 -18.15 13.20 0.28
C GLU A 84 -18.47 11.72 0.15
N GLY A 85 -19.75 11.40 0.22
CA GLY A 85 -20.19 10.02 0.08
C GLY A 85 -21.65 9.88 -0.30
N PHE A 86 -22.05 8.63 -0.57
CA PHE A 86 -23.43 8.30 -0.90
C PHE A 86 -24.20 7.93 0.36
N GLY A 87 -23.49 7.78 1.48
CA GLY A 87 -24.09 7.33 2.72
C GLY A 87 -24.06 5.82 2.84
N VAL A 88 -23.17 5.18 2.08
CA VAL A 88 -22.95 3.73 2.21
C VAL A 88 -21.46 3.50 2.43
N GLU A 89 -21.15 2.94 3.60
CA GLU A 89 -19.81 2.97 4.18
C GLU A 89 -18.72 2.49 3.22
N ARG A 90 -18.89 1.31 2.63
CA ARG A 90 -17.90 0.69 1.74
C ARG A 90 -17.57 1.54 0.52
N PHE A 91 -18.54 2.29 0.01
CA PHE A 91 -18.32 3.13 -1.18
C PHE A 91 -17.79 4.51 -0.80
N ASP A 92 -17.89 4.86 0.48
CA ASP A 92 -17.59 6.21 0.96
C ASP A 92 -16.16 6.44 1.48
N THR A 93 -15.46 5.36 1.81
CA THR A 93 -14.15 5.45 2.42
C THR A 93 -12.99 5.38 1.43
N GLU A 94 -13.25 4.90 0.22
CA GLU A 94 -12.27 5.04 -0.85
C GLU A 94 -12.49 6.45 -1.35
N GLY A 95 -11.43 7.12 -1.81
CA GLY A 95 -11.52 8.56 -2.01
C GLY A 95 -12.19 8.98 -3.30
N ARG A 96 -13.44 8.54 -3.49
CA ARG A 96 -14.03 8.52 -4.83
C ARG A 96 -15.10 9.56 -5.18
N ILE A 97 -15.62 10.25 -4.15
CA ILE A 97 -16.88 10.99 -4.28
C ILE A 97 -16.82 12.43 -3.78
N GLN A 98 -17.12 13.35 -4.68
CA GLN A 98 -17.34 14.74 -4.30
C GLN A 98 -18.62 15.22 -4.94
N ILE A 99 -19.59 15.60 -4.11
CA ILE A 99 -20.83 16.19 -4.61
C ILE A 99 -20.93 17.62 -4.13
N ALA A 100 -20.68 18.55 -5.03
CA ALA A 100 -20.63 19.98 -4.69
C ALA A 100 -21.84 20.76 -5.18
N ASP A 101 -22.57 21.34 -4.23
CA ASP A 101 -23.75 22.14 -4.51
C ASP A 101 -23.42 23.59 -4.90
N PHE A 102 -23.68 23.93 -6.16
CA PHE A 102 -23.49 25.30 -6.63
C PHE A 102 -24.85 25.98 -6.88
N ASP A 103 -25.86 25.45 -6.20
CA ASP A 103 -27.25 25.92 -6.30
C ASP A 103 -27.91 25.61 -7.64
N ASP A 104 -27.57 26.35 -8.69
CA ASP A 104 -28.02 26.05 -10.04
C ASP A 104 -27.96 24.54 -10.26
N PHE A 105 -26.78 23.98 -10.02
CA PHE A 105 -26.55 22.55 -10.17
C PHE A 105 -25.72 21.97 -9.05
N LEU A 106 -25.97 20.70 -8.75
CA LEU A 106 -25.01 19.86 -8.06
C LEU A 106 -23.91 19.45 -9.06
N LEU A 107 -22.67 19.35 -8.59
CA LEU A 107 -21.56 18.87 -9.41
C LEU A 107 -20.95 17.62 -8.80
N TYR A 108 -21.06 16.52 -9.53
CA TYR A 108 -20.50 15.23 -9.11
C TYR A 108 -19.11 15.07 -9.69
N ASN A 109 -18.12 14.92 -8.81
CA ASN A 109 -16.76 14.59 -9.22
C ASN A 109 -16.49 13.18 -8.72
N ILE A 110 -16.41 12.23 -9.64
CA ILE A 110 -16.35 10.83 -9.25
C ILE A 110 -15.18 10.10 -9.88
N TYR A 111 -14.50 9.30 -9.08
CA TYR A 111 -13.53 8.34 -9.58
C TYR A 111 -14.16 6.99 -9.40
N PHE A 112 -14.72 6.46 -10.49
CA PHE A 112 -15.40 5.17 -10.50
C PHE A 112 -14.38 4.04 -10.46
N PRO A 113 -14.67 2.96 -9.72
CA PRO A 113 -13.68 1.90 -9.53
C PRO A 113 -13.23 1.20 -10.80
N ASN A 114 -11.93 0.96 -10.92
CA ASN A 114 -11.39 0.09 -11.95
C ASN A 114 -11.73 -1.34 -11.54
N GLY A 115 -12.12 -2.16 -12.52
CA GLY A 115 -12.58 -3.53 -12.27
C GLY A 115 -11.65 -4.64 -12.73
N LYS A 116 -10.46 -4.28 -13.20
CA LYS A 116 -9.56 -5.20 -13.90
C LYS A 116 -8.88 -6.27 -13.06
N MET A 117 -8.61 -5.99 -11.79
CA MET A 117 -7.74 -6.90 -11.01
C MET A 117 -8.43 -8.11 -10.38
N SER A 118 -9.74 -8.03 -10.17
CA SER A 118 -10.46 -9.13 -9.51
C SER A 118 -11.96 -9.13 -9.80
N GLU A 119 -12.54 -10.32 -9.70
CA GLU A 119 -13.97 -10.54 -9.78
C GLU A 119 -14.67 -9.69 -8.74
N GLU A 120 -14.13 -9.66 -7.52
CA GLU A 120 -14.74 -8.95 -6.40
C GLU A 120 -14.68 -7.44 -6.56
N ARG A 121 -13.70 -6.97 -7.32
CA ARG A 121 -13.58 -5.55 -7.62
C ARG A 121 -14.55 -5.12 -8.72
N LEU A 122 -14.68 -5.97 -9.74
CA LEU A 122 -15.69 -5.79 -10.78
C LEU A 122 -17.10 -5.74 -10.18
N LYS A 123 -17.33 -6.53 -9.15
CA LYS A 123 -18.60 -6.51 -8.44
C LYS A 123 -18.74 -5.18 -7.71
N TYR A 124 -17.66 -4.77 -7.05
CA TYR A 124 -17.63 -3.51 -6.32
C TYR A 124 -17.98 -2.35 -7.25
N LYS A 125 -17.45 -2.41 -8.48
CA LYS A 125 -17.66 -1.39 -9.49
C LYS A 125 -19.15 -1.24 -9.85
N LEU A 126 -19.79 -2.37 -10.11
CA LEU A 126 -21.17 -2.38 -10.53
C LEU A 126 -22.09 -1.97 -9.40
N GLU A 127 -21.71 -2.32 -8.18
CA GLU A 127 -22.52 -1.93 -7.04
C GLU A 127 -22.36 -0.45 -6.73
N PHE A 128 -21.16 0.07 -6.97
CA PHE A 128 -20.88 1.50 -6.92
C PHE A 128 -21.78 2.20 -7.96
N TYR A 129 -21.68 1.75 -9.22
CA TYR A 129 -22.58 2.20 -10.29
C TYR A 129 -24.02 2.33 -9.80
N ASP A 130 -24.53 1.26 -9.19
CA ASP A 130 -25.89 1.25 -8.69
C ASP A 130 -26.12 2.35 -7.66
N ALA A 131 -25.32 2.32 -6.58
CA ALA A 131 -25.41 3.36 -5.53
C ALA A 131 -25.39 4.77 -6.12
N PHE A 132 -24.49 4.99 -7.08
CA PHE A 132 -24.42 6.26 -7.79
C PHE A 132 -25.76 6.66 -8.44
N LEU A 133 -26.36 5.75 -9.20
CA LEU A 133 -27.61 6.04 -9.91
C LEU A 133 -28.74 6.46 -8.97
N GLU A 134 -28.95 5.68 -7.91
CA GLU A 134 -29.94 6.01 -6.88
C GLU A 134 -29.74 7.44 -6.40
N ASP A 135 -28.49 7.74 -6.03
CA ASP A 135 -28.11 9.02 -5.49
C ASP A 135 -28.41 10.15 -6.46
N VAL A 136 -27.87 10.08 -7.67
CA VAL A 136 -28.09 11.14 -8.66
C VAL A 136 -29.58 11.31 -9.05
N ASN A 137 -30.32 10.19 -9.09
CA ASN A 137 -31.75 10.22 -9.39
C ASN A 137 -32.53 10.88 -8.28
N ARG A 138 -32.27 10.48 -7.03
CA ARG A 138 -32.85 11.13 -5.87
C ARG A 138 -32.74 12.66 -5.95
N GLU A 139 -31.58 13.14 -6.36
CA GLU A 139 -31.32 14.57 -6.42
C GLU A 139 -32.00 15.27 -7.58
N ARG A 140 -31.96 14.65 -8.76
CA ARG A 140 -32.60 15.20 -9.95
C ARG A 140 -34.13 15.14 -9.82
N ASP A 141 -34.63 14.03 -9.27
CA ASP A 141 -36.06 13.84 -8.94
C ASP A 141 -36.55 14.85 -7.93
N SER A 142 -35.67 15.28 -7.03
CA SER A 142 -36.05 16.29 -6.05
C SER A 142 -36.12 17.67 -6.68
N GLY A 143 -35.65 17.80 -7.91
CA GLY A 143 -35.76 19.06 -8.64
C GLY A 143 -34.45 19.70 -9.08
N ARG A 144 -33.32 19.07 -8.72
CA ARG A 144 -32.01 19.67 -8.96
C ARG A 144 -31.40 19.29 -10.30
N ASN A 145 -30.78 20.26 -10.94
CA ASN A 145 -29.93 20.02 -12.11
C ASN A 145 -28.56 19.41 -11.73
N VAL A 146 -28.11 18.40 -12.48
CA VAL A 146 -26.87 17.71 -12.11
C VAL A 146 -25.80 17.70 -13.19
N ILE A 147 -24.56 17.98 -12.79
CA ILE A 147 -23.43 17.75 -13.67
C ILE A 147 -22.57 16.67 -13.04
N ILE A 148 -22.18 15.70 -13.85
CA ILE A 148 -21.39 14.56 -13.40
C ILE A 148 -20.18 14.45 -14.28
N CYS A 149 -19.02 14.70 -13.71
CA CYS A 149 -17.80 14.45 -14.41
C CYS A 149 -16.92 13.43 -13.67
N GLY A 150 -15.86 12.99 -14.33
CA GLY A 150 -14.93 12.05 -13.75
C GLY A 150 -14.64 10.84 -14.61
N ASP A 151 -13.85 9.96 -14.02
CA ASP A 151 -13.36 8.77 -14.69
C ASP A 151 -14.32 7.63 -14.42
N PHE A 152 -15.07 7.28 -15.45
CA PHE A 152 -16.08 6.21 -15.38
C PHE A 152 -15.47 4.83 -15.49
N ASN A 153 -14.26 4.75 -16.01
CA ASN A 153 -13.54 3.47 -16.16
C ASN A 153 -14.19 2.48 -17.14
N THR A 154 -14.95 3.02 -18.09
CA THR A 154 -15.67 2.21 -19.06
C THR A 154 -15.87 2.99 -20.34
N ALA A 155 -15.57 2.34 -21.47
CA ALA A 155 -15.92 2.84 -22.79
C ALA A 155 -17.29 2.27 -23.15
N HIS A 156 -18.16 3.15 -23.64
CA HIS A 156 -19.58 2.84 -23.80
C HIS A 156 -19.85 2.03 -25.04
N ARG A 157 -19.35 2.52 -26.16
CA ARG A 157 -19.59 1.95 -27.45
C ARG A 157 -18.27 1.61 -28.12
N GLU A 158 -18.33 0.82 -29.19
CA GLU A 158 -17.13 0.39 -29.90
C GLU A 158 -16.34 1.57 -30.43
N ILE A 159 -17.05 2.63 -30.85
CA ILE A 159 -16.43 3.87 -31.34
C ILE A 159 -15.55 4.50 -30.21
N ASP A 160 -15.91 4.21 -28.96
CA ASP A 160 -15.29 4.84 -27.80
C ASP A 160 -13.90 4.28 -27.45
N LEU A 161 -13.49 3.17 -28.09
CA LEU A 161 -12.15 2.60 -27.92
C LEU A 161 -11.55 2.06 -29.22
N ALA A 162 -10.23 2.09 -29.34
CA ALA A 162 -9.52 1.63 -30.55
C ALA A 162 -9.66 0.13 -30.85
N ARG A 163 -9.55 -0.71 -29.82
CA ARG A 163 -9.59 -2.16 -29.99
C ARG A 163 -10.82 -2.81 -29.35
N PRO A 164 -12.02 -2.57 -29.90
CA PRO A 164 -13.23 -3.05 -29.24
C PRO A 164 -13.40 -4.56 -29.17
N LYS A 165 -12.92 -5.30 -30.17
CA LYS A 165 -13.15 -6.74 -30.25
C LYS A 165 -12.27 -7.54 -29.27
N GLU A 166 -10.98 -7.21 -29.23
CA GLU A 166 -10.01 -7.85 -28.32
C GLU A 166 -10.40 -7.64 -26.85
N ASN A 167 -11.09 -6.53 -26.58
CA ASN A 167 -11.33 -6.13 -25.21
C ASN A 167 -12.78 -6.38 -24.76
N SER A 168 -13.54 -7.09 -25.59
CA SER A 168 -14.92 -7.43 -25.27
C SER A 168 -15.02 -8.31 -24.03
N ASN A 169 -13.93 -9.00 -23.70
CA ASN A 169 -13.84 -9.77 -22.46
C ASN A 169 -13.01 -9.09 -21.36
N VAL A 170 -12.48 -7.90 -21.65
CA VAL A 170 -11.72 -7.10 -20.68
C VAL A 170 -12.63 -6.12 -19.93
N SER A 171 -12.49 -6.04 -18.61
CA SER A 171 -13.22 -5.07 -17.79
C SER A 171 -12.91 -3.64 -18.23
N GLY A 172 -13.94 -2.87 -18.50
CA GLY A 172 -13.79 -1.56 -19.13
C GLY A 172 -14.52 -1.52 -20.46
N PHE A 173 -14.84 -2.70 -21.00
CA PHE A 173 -15.69 -2.86 -22.17
C PHE A 173 -16.53 -4.14 -22.07
N LEU A 174 -16.69 -4.66 -20.86
CA LEU A 174 -17.61 -5.77 -20.62
C LEU A 174 -19.02 -5.36 -20.99
N PRO A 175 -19.80 -6.30 -21.57
CA PRO A 175 -21.23 -6.04 -21.85
C PRO A 175 -22.01 -5.53 -20.63
N VAL A 176 -21.73 -6.09 -19.45
CA VAL A 176 -22.41 -5.70 -18.20
C VAL A 176 -22.18 -4.23 -17.88
N GLU A 177 -20.98 -3.77 -18.20
CA GLU A 177 -20.56 -2.42 -17.90
C GLU A 177 -21.17 -1.41 -18.86
N ARG A 178 -21.22 -1.78 -20.14
CA ARG A 178 -21.77 -0.92 -21.18
C ARG A 178 -23.28 -0.80 -21.05
N ALA A 179 -23.91 -1.86 -20.56
CA ALA A 179 -25.34 -1.93 -20.26
C ALA A 179 -25.70 -0.88 -19.22
N TRP A 180 -24.84 -0.76 -18.22
CA TRP A 180 -25.10 0.16 -17.13
C TRP A 180 -25.09 1.58 -17.64
N ILE A 181 -24.16 1.91 -18.52
CA ILE A 181 -24.17 3.24 -19.14
C ILE A 181 -25.46 3.45 -19.95
N ASP A 182 -25.87 2.44 -20.71
CA ASP A 182 -27.14 2.47 -21.44
C ASP A 182 -28.28 2.85 -20.50
N LYS A 183 -28.40 2.07 -19.42
CA LYS A 183 -29.41 2.29 -18.40
C LYS A 183 -29.32 3.69 -17.81
N PHE A 184 -28.08 4.10 -17.48
CA PHE A 184 -27.80 5.42 -16.94
C PHE A 184 -28.39 6.54 -17.84
N ILE A 185 -28.03 6.50 -19.12
CA ILE A 185 -28.52 7.44 -20.12
C ILE A 185 -30.05 7.41 -20.23
N GLU A 186 -30.64 6.21 -20.20
CA GLU A 186 -32.10 6.03 -20.22
C GLU A 186 -32.81 6.72 -19.04
N ASN A 187 -32.11 6.86 -17.91
CA ASN A 187 -32.68 7.56 -16.77
C ASN A 187 -32.71 9.09 -16.92
N GLY A 188 -32.34 9.58 -18.09
CA GLY A 188 -32.52 10.99 -18.41
C GLY A 188 -31.26 11.81 -18.31
N TYR A 189 -30.16 11.23 -18.76
CA TYR A 189 -28.85 11.88 -18.71
C TYR A 189 -28.14 11.73 -20.04
N VAL A 190 -27.35 12.74 -20.38
CA VAL A 190 -26.77 12.84 -21.71
C VAL A 190 -25.23 12.91 -21.61
N ASP A 191 -24.57 12.16 -22.48
CA ASP A 191 -23.13 12.19 -22.67
C ASP A 191 -22.76 13.45 -23.44
N THR A 192 -22.52 14.54 -22.74
CA THR A 192 -22.36 15.85 -23.39
C THR A 192 -21.39 15.89 -24.54
N PHE A 193 -20.36 15.06 -24.50
CA PHE A 193 -19.37 15.04 -25.58
C PHE A 193 -20.03 14.58 -26.88
N ARG A 194 -20.93 13.61 -26.78
CA ARG A 194 -21.61 13.05 -27.94
C ARG A 194 -22.63 13.97 -28.59
N MET A 195 -23.09 14.96 -27.83
CA MET A 195 -23.87 16.08 -28.35
C MET A 195 -23.16 16.90 -29.45
N PHE A 196 -21.83 17.00 -29.36
CA PHE A 196 -21.08 17.90 -30.23
C PHE A 196 -20.14 17.19 -31.21
N ASN A 197 -19.84 15.93 -30.92
CA ASN A 197 -18.85 15.19 -31.68
C ASN A 197 -19.23 13.73 -31.80
N SER A 198 -19.29 13.26 -33.04
CA SER A 198 -19.65 11.87 -33.36
C SER A 198 -18.53 11.14 -34.08
N ASP A 199 -17.36 11.78 -34.18
CA ASP A 199 -16.16 11.16 -34.74
C ASP A 199 -15.68 9.97 -33.90
N PRO A 200 -14.98 9.01 -34.54
CA PRO A 200 -14.22 7.97 -33.85
C PRO A 200 -12.85 8.50 -33.42
N GLY A 201 -12.06 7.66 -32.77
CA GLY A 201 -10.69 8.02 -32.38
C GLY A 201 -10.55 9.18 -31.41
N GLN A 202 -11.61 9.42 -30.63
CA GLN A 202 -11.62 10.45 -29.60
C GLN A 202 -11.52 9.75 -28.26
N TYR A 203 -10.33 9.78 -27.68
CA TYR A 203 -10.04 9.00 -26.48
C TYR A 203 -9.53 9.90 -25.35
N THR A 204 -9.56 9.37 -24.13
CA THR A 204 -9.14 10.13 -22.95
C THR A 204 -8.06 9.42 -22.14
N TRP A 205 -7.95 8.11 -22.32
CA TRP A 205 -6.95 7.29 -21.65
C TRP A 205 -6.18 6.42 -22.64
N TRP A 206 -4.88 6.29 -22.44
CA TRP A 206 -4.06 5.39 -23.24
C TRP A 206 -3.11 4.69 -22.30
N SER A 207 -2.96 3.39 -22.49
CA SER A 207 -2.03 2.59 -21.70
C SER A 207 -0.58 3.12 -21.78
N TYR A 208 0.10 3.03 -20.65
CA TYR A 208 1.51 3.37 -20.55
C TYR A 208 2.37 2.30 -21.22
N ARG A 209 1.98 1.04 -21.00
CA ARG A 209 2.77 -0.14 -21.41
C ARG A 209 3.17 -0.19 -22.89
N THR A 210 2.26 0.19 -23.77
CA THR A 210 2.48 0.06 -25.20
C THR A 210 3.08 1.31 -25.84
N ARG A 211 3.22 2.38 -25.06
CA ARG A 211 3.42 3.73 -25.60
C ARG A 211 2.29 4.01 -26.61
N ALA A 212 1.07 3.66 -26.20
CA ALA A 212 -0.12 3.69 -27.04
C ALA A 212 -0.58 5.10 -27.41
N ARG A 213 -0.21 6.08 -26.59
CA ARG A 213 -0.69 7.43 -26.83
C ARG A 213 -0.22 8.03 -28.16
N GLU A 214 1.02 7.75 -28.56
CA GLU A 214 1.54 8.25 -29.85
C GLU A 214 0.93 7.49 -31.03
N ARG A 215 0.62 6.22 -30.81
CA ARG A 215 -0.15 5.43 -31.77
C ARG A 215 -1.64 5.76 -31.73
N ASN A 216 -2.09 6.48 -30.70
CA ASN A 216 -3.50 6.87 -30.49
C ASN A 216 -4.43 5.67 -30.27
N VAL A 217 -3.91 4.65 -29.58
CA VAL A 217 -4.68 3.46 -29.28
C VAL A 217 -5.30 3.60 -27.88
N GLY A 218 -6.38 4.38 -27.80
CA GLY A 218 -7.00 4.72 -26.53
C GLY A 218 -8.43 4.27 -26.29
N TRP A 219 -8.97 4.74 -25.16
CA TRP A 219 -10.34 4.51 -24.77
C TRP A 219 -10.86 5.84 -24.27
N ARG A 220 -12.17 6.01 -24.31
CA ARG A 220 -12.80 7.16 -23.69
C ARG A 220 -13.37 6.66 -22.38
N LEU A 221 -12.76 7.09 -21.28
CA LEU A 221 -13.15 6.65 -19.94
C LEU A 221 -13.68 7.81 -19.10
N ASP A 222 -13.47 9.01 -19.63
CA ASP A 222 -13.77 10.23 -18.90
C ASP A 222 -14.87 10.98 -19.62
N TYR A 223 -15.92 11.30 -18.87
CA TYR A 223 -17.13 11.90 -19.42
C TYR A 223 -17.65 13.08 -18.61
N PHE A 224 -18.31 14.00 -19.30
CA PHE A 224 -19.21 14.94 -18.67
C PHE A 224 -20.64 14.53 -18.98
N PHE A 225 -21.43 14.27 -17.95
CA PHE A 225 -22.86 14.02 -18.10
C PHE A 225 -23.71 15.12 -17.47
N VAL A 226 -24.84 15.44 -18.08
CA VAL A 226 -25.83 16.31 -17.47
C VAL A 226 -27.18 15.63 -17.56
N ASN A 227 -28.09 15.99 -16.66
CA ASN A 227 -29.52 15.64 -16.86
C ASN A 227 -30.06 16.40 -18.08
N GLU A 228 -30.99 15.79 -18.79
CA GLU A 228 -31.44 16.34 -20.07
C GLU A 228 -32.12 17.72 -19.99
N GLU A 229 -32.85 17.96 -18.91
CA GLU A 229 -33.45 19.27 -18.63
C GLU A 229 -32.43 20.41 -18.70
N PHE A 230 -31.17 20.10 -18.39
CA PHE A 230 -30.08 21.06 -18.32
C PHE A 230 -29.30 21.11 -19.63
N LYS A 231 -29.54 20.12 -20.48
CA LYS A 231 -28.85 19.99 -21.76
C LYS A 231 -28.79 21.29 -22.55
N GLY A 232 -29.83 22.11 -22.40
CA GLY A 232 -29.90 23.43 -23.02
C GLY A 232 -28.69 24.30 -22.72
N LYS A 233 -28.19 24.22 -21.50
CA LYS A 233 -27.13 25.12 -21.02
C LYS A 233 -25.72 24.73 -21.46
N VAL A 234 -25.52 23.52 -21.96
CA VAL A 234 -24.17 23.10 -22.35
C VAL A 234 -23.79 23.61 -23.76
N LYS A 235 -22.82 24.52 -23.79
CA LYS A 235 -22.37 25.15 -25.04
C LYS A 235 -21.18 24.43 -25.67
N ARG A 236 -20.38 23.76 -24.87
CA ARG A 236 -19.21 23.04 -25.39
C ARG A 236 -18.85 21.84 -24.51
N SER A 237 -18.31 20.80 -25.13
CA SER A 237 -17.85 19.62 -24.39
C SER A 237 -16.75 18.93 -25.15
N TRP A 238 -15.49 19.13 -24.75
CA TRP A 238 -14.35 18.70 -25.55
C TRP A 238 -13.24 17.94 -24.80
N ILE A 239 -12.32 17.35 -25.55
CA ILE A 239 -11.20 16.61 -24.98
C ILE A 239 -9.87 17.33 -25.19
N LEU A 240 -9.23 17.75 -24.10
CA LEU A 240 -7.93 18.45 -24.14
C LEU A 240 -6.79 17.44 -24.30
N SER A 241 -6.79 16.75 -25.43
CA SER A 241 -5.95 15.56 -25.59
C SER A 241 -4.49 15.88 -25.83
N ASP A 242 -4.19 17.18 -25.88
CA ASP A 242 -2.84 17.66 -26.16
C ASP A 242 -2.01 17.85 -24.89
N VAL A 243 -2.69 17.92 -23.73
CA VAL A 243 -1.99 18.14 -22.45
C VAL A 243 -1.55 16.83 -21.80
N MET A 244 -0.25 16.71 -21.58
CA MET A 244 0.36 15.47 -21.09
C MET A 244 0.51 15.48 -19.56
N GLY A 245 1.04 14.39 -19.03
CA GLY A 245 1.37 14.30 -17.62
C GLY A 245 0.70 13.16 -16.88
N SER A 246 -0.19 12.46 -17.54
CA SER A 246 -0.98 11.42 -16.93
C SER A 246 -1.34 10.42 -18.01
N ASP A 247 -1.78 9.22 -17.63
CA ASP A 247 -2.26 8.27 -18.62
C ASP A 247 -3.65 8.67 -19.15
N HIS A 248 -4.35 9.54 -18.41
CA HIS A 248 -5.56 10.19 -18.94
C HIS A 248 -5.22 11.60 -19.39
N CYS A 249 -6.04 12.15 -20.27
CA CYS A 249 -5.99 13.57 -20.53
C CYS A 249 -7.23 14.23 -19.87
N PRO A 250 -7.19 15.56 -19.68
CA PRO A 250 -8.38 16.25 -19.16
C PRO A 250 -9.48 16.46 -20.19
N ILE A 251 -10.71 16.53 -19.71
CA ILE A 251 -11.89 16.85 -20.53
C ILE A 251 -12.51 18.15 -20.04
N GLY A 252 -13.27 18.79 -20.91
CA GLY A 252 -13.77 20.14 -20.65
C GLY A 252 -15.24 20.31 -20.92
N LEU A 253 -15.87 21.14 -20.12
CA LEU A 253 -17.27 21.47 -20.29
C LEU A 253 -17.49 22.97 -20.11
N GLU A 254 -18.26 23.56 -21.02
CA GLU A 254 -18.65 24.98 -20.93
C GLU A 254 -20.14 25.10 -20.82
N ILE A 255 -20.60 25.87 -19.85
CA ILE A 255 -22.03 26.08 -19.68
C ILE A 255 -22.49 27.57 -19.74
N GLU A 256 -23.78 27.75 -20.06
CA GLU A 256 -24.51 29.03 -20.17
C GLU A 256 -23.91 30.05 -21.14
N MET B 1 17.28 -29.55 24.05
CA MET B 1 18.50 -30.09 24.74
C MET B 1 19.69 -30.24 23.77
N ALA B 2 19.57 -31.21 22.86
CA ALA B 2 20.68 -31.72 22.02
C ALA B 2 20.36 -31.90 20.52
N VAL B 3 21.17 -31.23 19.67
CA VAL B 3 21.13 -31.24 18.17
C VAL B 3 19.99 -30.44 17.45
N LEU B 4 19.49 -29.38 18.07
CA LEU B 4 18.38 -28.59 17.46
C LEU B 4 18.85 -27.36 16.66
N LYS B 5 18.38 -27.25 15.43
CA LYS B 5 18.87 -26.21 14.51
C LYS B 5 17.77 -25.21 14.11
N ILE B 6 17.99 -23.93 14.43
CA ILE B 6 17.02 -22.87 14.14
C ILE B 6 17.66 -21.77 13.30
N ILE B 7 16.95 -21.35 12.25
CA ILE B 7 17.42 -20.26 11.40
C ILE B 7 16.39 -19.10 11.40
N SER B 8 16.91 -17.88 11.49
CA SER B 8 16.09 -16.67 11.37
C SER B 8 16.54 -15.85 10.18
N TRP B 9 15.57 -15.37 9.39
CA TRP B 9 15.87 -14.61 8.15
C TRP B 9 14.81 -13.58 7.76
N ASN B 10 15.23 -12.30 7.70
CA ASN B 10 14.34 -11.26 7.17
C ASN B 10 14.48 -11.35 5.68
N VAL B 11 13.44 -11.83 5.06
CA VAL B 11 13.56 -12.43 3.75
C VAL B 11 13.23 -11.40 2.65
N ASN B 12 12.63 -10.29 3.08
CA ASN B 12 12.28 -9.17 2.22
C ASN B 12 11.43 -9.58 1.02
N GLY B 13 10.34 -10.28 1.31
CA GLY B 13 9.41 -10.74 0.29
C GLY B 13 9.62 -12.22 0.05
N LEU B 14 8.71 -13.04 0.56
CA LEU B 14 8.85 -14.46 0.37
C LEU B 14 8.77 -14.86 -1.10
N ARG B 15 7.81 -14.26 -1.82
CA ARG B 15 7.71 -14.51 -3.26
C ARG B 15 8.99 -14.11 -3.96
N ALA B 16 9.59 -13.00 -3.50
CA ALA B 16 10.87 -12.55 -4.04
C ALA B 16 12.00 -13.58 -3.85
N VAL B 17 12.23 -14.06 -2.62
CA VAL B 17 13.31 -15.05 -2.41
C VAL B 17 13.06 -16.37 -3.12
N HIS B 18 11.80 -16.78 -3.17
CA HIS B 18 11.40 -17.95 -3.94
C HIS B 18 11.95 -17.87 -5.37
N ARG B 19 11.77 -16.71 -6.02
CA ARG B 19 12.25 -16.51 -7.40
C ARG B 19 13.77 -16.52 -7.49
N LYS B 20 14.43 -16.47 -6.34
CA LYS B 20 15.90 -16.53 -6.28
C LYS B 20 16.40 -17.85 -5.70
N GLY B 21 15.54 -18.87 -5.68
CA GLY B 21 15.92 -20.22 -5.22
C GLY B 21 15.96 -20.45 -3.72
N PHE B 22 15.05 -19.80 -2.98
CA PHE B 22 14.88 -20.00 -1.54
C PHE B 22 14.70 -21.49 -1.19
N LEU B 23 13.79 -22.18 -1.90
CA LEU B 23 13.51 -23.58 -1.58
C LEU B 23 14.77 -24.46 -1.68
N LYS B 24 15.59 -24.19 -2.69
CA LYS B 24 16.85 -24.91 -2.89
C LYS B 24 17.72 -24.77 -1.65
N TRP B 25 17.98 -23.53 -1.25
CA TRP B 25 18.71 -23.24 -0.01
C TRP B 25 18.07 -23.95 1.19
N PHE B 26 16.74 -23.95 1.24
CA PHE B 26 16.01 -24.54 2.36
C PHE B 26 16.18 -26.07 2.36
N MET B 27 16.39 -26.64 1.18
CA MET B 27 16.66 -28.06 1.09
C MET B 27 18.05 -28.33 1.64
N GLU B 28 19.01 -27.49 1.24
CA GLU B 28 20.43 -27.70 1.56
C GLU B 28 20.67 -27.55 3.04
N GLU B 29 20.46 -26.34 3.55
CA GLU B 29 20.43 -26.13 4.99
C GLU B 29 19.20 -26.89 5.47
N LYS B 30 19.36 -27.84 6.38
CA LYS B 30 18.20 -28.51 6.96
C LYS B 30 18.05 -28.02 8.38
N PRO B 31 17.25 -26.96 8.58
CA PRO B 31 16.99 -26.56 9.95
C PRO B 31 15.79 -27.30 10.51
N ASP B 32 15.73 -27.39 11.83
CA ASP B 32 14.60 -28.03 12.49
C ASP B 32 13.47 -27.02 12.61
N ILE B 33 13.85 -25.74 12.66
CA ILE B 33 12.89 -24.63 12.61
C ILE B 33 13.45 -23.54 11.72
N LEU B 34 12.57 -22.93 10.94
CA LEU B 34 12.91 -21.78 10.11
C LEU B 34 11.96 -20.68 10.41
N CYS B 35 12.51 -19.56 10.88
CA CYS B 35 11.76 -18.38 11.21
C CYS B 35 12.00 -17.32 10.15
N LEU B 36 10.93 -16.74 9.63
CA LEU B 36 11.06 -15.72 8.59
C LEU B 36 10.36 -14.43 8.97
N GLN B 37 10.91 -13.30 8.53
CA GLN B 37 10.24 -12.01 8.72
C GLN B 37 10.13 -11.29 7.37
N GLU B 38 9.13 -10.40 7.24
CA GLU B 38 8.87 -9.63 6.03
C GLU B 38 8.51 -10.50 4.83
N ILE B 39 7.59 -11.43 5.05
CA ILE B 39 7.15 -12.30 3.99
C ILE B 39 6.36 -11.50 2.95
N LYS B 40 5.68 -10.45 3.41
CA LYS B 40 4.99 -9.49 2.51
C LYS B 40 4.02 -10.21 1.61
N ALA B 41 3.16 -11.03 2.19
CA ALA B 41 2.20 -11.81 1.44
C ALA B 41 1.19 -12.44 2.37
N ALA B 42 0.00 -12.70 1.84
CA ALA B 42 -0.98 -13.53 2.50
C ALA B 42 -0.74 -14.93 1.95
N PRO B 43 -0.99 -15.97 2.77
CA PRO B 43 -0.82 -17.35 2.32
C PRO B 43 -1.44 -17.63 0.93
N GLU B 44 -2.65 -17.12 0.69
CA GLU B 44 -3.31 -17.35 -0.60
C GLU B 44 -2.52 -16.84 -1.80
N GLN B 45 -1.69 -15.82 -1.58
CA GLN B 45 -0.84 -15.30 -2.65
C GLN B 45 0.42 -16.13 -2.89
N LEU B 46 0.67 -17.10 -2.01
CA LEU B 46 1.90 -17.88 -2.09
C LEU B 46 1.77 -19.14 -2.92
N PRO B 47 2.75 -19.43 -3.81
CA PRO B 47 2.75 -20.68 -4.55
C PRO B 47 2.60 -21.88 -3.61
N ARG B 48 1.78 -22.84 -4.03
CA ARG B 48 1.53 -24.08 -3.29
C ARG B 48 2.84 -24.77 -2.90
N LYS B 49 3.86 -24.63 -3.75
CA LYS B 49 5.16 -25.19 -3.46
C LYS B 49 5.78 -24.63 -2.18
N LEU B 50 5.31 -23.46 -1.75
CA LEU B 50 5.83 -22.77 -0.55
C LEU B 50 4.98 -22.99 0.68
N ARG B 51 3.67 -22.99 0.53
CA ARG B 51 2.79 -23.30 1.66
C ARG B 51 2.94 -24.72 2.19
N HIS B 52 3.35 -25.63 1.32
CA HIS B 52 3.53 -27.02 1.70
C HIS B 52 4.94 -27.51 1.37
N VAL B 53 5.80 -27.57 2.38
CA VAL B 53 7.16 -28.10 2.21
C VAL B 53 7.30 -29.43 2.96
N GLU B 54 7.78 -30.45 2.23
CA GLU B 54 7.94 -31.82 2.77
C GLU B 54 8.66 -31.86 4.11
N GLY B 55 8.00 -32.43 5.11
CA GLY B 55 8.63 -32.64 6.41
C GLY B 55 8.43 -31.49 7.36
N TYR B 56 7.71 -30.45 6.93
CA TYR B 56 7.52 -29.28 7.75
C TYR B 56 6.06 -28.92 7.89
N ARG B 57 5.68 -28.40 9.06
CA ARG B 57 4.42 -27.70 9.20
C ARG B 57 4.72 -26.19 9.09
N SER B 58 3.90 -25.48 8.30
CA SER B 58 4.11 -24.06 8.02
C SER B 58 3.04 -23.19 8.68
N PHE B 59 3.48 -22.13 9.36
CA PHE B 59 2.57 -21.15 9.96
C PHE B 59 2.86 -19.76 9.41
N PHE B 60 1.81 -19.11 8.93
CA PHE B 60 1.90 -17.79 8.34
C PHE B 60 1.07 -16.81 9.14
N THR B 61 1.68 -15.67 9.47
CA THR B 61 1.02 -14.59 10.18
C THR B 61 1.19 -13.32 9.37
N PRO B 62 0.28 -13.07 8.40
CA PRO B 62 0.38 -11.86 7.55
C PRO B 62 -0.13 -10.61 8.25
N ALA B 63 0.28 -9.45 7.74
CA ALA B 63 -0.31 -8.18 8.17
C ALA B 63 -1.67 -8.00 7.52
N GLU B 64 -2.56 -7.32 8.23
CA GLU B 64 -3.81 -6.88 7.64
C GLU B 64 -3.54 -6.10 6.36
N ARG B 65 -2.60 -5.17 6.42
CA ARG B 65 -2.21 -4.47 5.21
C ARG B 65 -1.54 -5.42 4.21
N LYS B 66 -2.04 -5.38 2.97
CA LYS B 66 -1.64 -6.32 1.92
C LYS B 66 -0.19 -6.03 1.49
N GLY B 67 0.61 -7.09 1.38
CA GLY B 67 2.02 -7.01 0.94
C GLY B 67 2.97 -6.30 1.89
N TYR B 68 2.56 -6.16 3.15
CA TYR B 68 3.35 -5.48 4.16
C TYR B 68 3.72 -6.42 5.32
N SER B 69 4.95 -6.29 5.81
CA SER B 69 5.36 -7.00 7.02
C SER B 69 5.10 -8.53 6.88
N GLY B 70 4.61 -9.18 7.93
CA GLY B 70 4.35 -10.61 7.89
C GLY B 70 5.51 -11.50 8.32
N VAL B 71 5.19 -12.50 9.13
CA VAL B 71 6.18 -13.49 9.55
C VAL B 71 5.69 -14.89 9.24
N ALA B 72 6.63 -15.83 9.13
CA ALA B 72 6.30 -17.22 8.89
C ALA B 72 7.24 -18.10 9.69
N MET B 73 6.74 -19.29 10.03
CA MET B 73 7.57 -20.30 10.67
C MET B 73 7.35 -21.66 10.02
N TYR B 74 8.45 -22.30 9.67
CA TYR B 74 8.43 -23.69 9.25
C TYR B 74 9.01 -24.52 10.39
N THR B 75 8.31 -25.57 10.78
CA THR B 75 8.83 -26.44 11.82
C THR B 75 8.63 -27.93 11.52
N LYS B 76 9.73 -28.69 11.66
CA LYS B 76 9.71 -30.17 11.55
C LYS B 76 8.84 -30.80 12.64
N VAL B 77 8.82 -30.19 13.83
CA VAL B 77 8.02 -30.68 14.94
C VAL B 77 7.06 -29.58 15.37
N PRO B 78 5.75 -29.84 15.30
CA PRO B 78 4.71 -28.89 15.73
C PRO B 78 4.90 -28.31 17.15
N PRO B 79 4.49 -27.05 17.36
CA PRO B 79 4.42 -26.49 18.69
C PRO B 79 3.10 -26.88 19.36
N SER B 80 3.01 -26.81 20.69
CA SER B 80 1.74 -27.02 21.39
C SER B 80 0.71 -25.99 20.96
N SER B 81 1.16 -24.74 20.83
CA SER B 81 0.28 -23.65 20.42
C SER B 81 1.10 -22.61 19.66
N LEU B 82 0.42 -21.58 19.19
CA LEU B 82 1.05 -20.53 18.42
C LEU B 82 0.23 -19.28 18.66
N ARG B 83 0.76 -18.39 19.49
CA ARG B 83 0.14 -17.09 19.75
C ARG B 83 0.69 -16.06 18.75
N GLU B 84 -0.22 -15.26 18.18
CA GLU B 84 0.10 -14.34 17.09
C GLU B 84 0.11 -12.87 17.50
N GLY B 85 -0.03 -12.61 18.80
CA GLY B 85 0.01 -11.25 19.29
C GLY B 85 0.32 -11.16 20.76
N PHE B 86 0.52 -9.94 21.25
CA PHE B 86 0.76 -9.66 22.66
C PHE B 86 -0.56 -9.41 23.39
N GLY B 87 -1.66 -9.36 22.65
CA GLY B 87 -2.96 -9.03 23.23
C GLY B 87 -3.18 -7.53 23.30
N VAL B 88 -2.44 -6.78 22.49
CA VAL B 88 -2.71 -5.34 22.32
C VAL B 88 -2.90 -5.05 20.83
N GLU B 89 -4.11 -4.60 20.50
CA GLU B 89 -4.61 -4.57 19.14
C GLU B 89 -3.67 -3.92 18.12
N ARG B 90 -3.19 -2.72 18.41
CA ARG B 90 -2.30 -1.98 17.50
C ARG B 90 -1.03 -2.73 17.15
N PHE B 91 -0.46 -3.46 18.11
CA PHE B 91 0.78 -4.21 17.88
C PHE B 91 0.52 -5.59 17.27
N ASP B 92 -0.73 -6.03 17.31
CA ASP B 92 -1.08 -7.39 16.89
C ASP B 92 -1.50 -7.57 15.42
N THR B 93 -1.92 -6.48 14.79
CA THR B 93 -2.52 -6.55 13.45
C THR B 93 -1.50 -6.34 12.32
N GLU B 94 -0.35 -5.77 12.63
CA GLU B 94 0.77 -5.82 11.70
C GLU B 94 1.36 -7.22 11.83
N GLY B 95 1.98 -7.74 10.79
CA GLY B 95 2.26 -9.19 10.79
C GLY B 95 3.55 -9.55 11.49
N ARG B 96 3.66 -9.21 12.77
CA ARG B 96 4.98 -9.08 13.41
C ARG B 96 5.36 -10.16 14.45
N ILE B 97 4.38 -10.90 14.94
CA ILE B 97 4.53 -11.72 16.13
C ILE B 97 4.15 -13.18 15.96
N GLN B 98 5.11 -14.08 16.13
CA GLN B 98 4.81 -15.50 16.28
C GLN B 98 5.45 -16.04 17.55
N ILE B 99 4.62 -16.50 18.49
CA ILE B 99 5.13 -17.11 19.74
C ILE B 99 4.74 -18.59 19.80
N ALA B 100 5.72 -19.45 19.55
CA ALA B 100 5.48 -20.87 19.39
C ALA B 100 6.01 -21.67 20.57
N ASP B 101 5.08 -22.37 21.23
CA ASP B 101 5.40 -23.21 22.37
C ASP B 101 5.93 -24.60 21.97
N PHE B 102 7.21 -24.83 22.22
CA PHE B 102 7.81 -26.15 22.00
C PHE B 102 8.07 -26.90 23.31
N ASP B 103 7.27 -26.55 24.32
CA ASP B 103 7.39 -27.07 25.68
C ASP B 103 8.68 -26.69 26.39
N ASP B 104 9.80 -27.31 26.00
CA ASP B 104 11.09 -26.95 26.57
C ASP B 104 11.17 -25.42 26.62
N PHE B 105 10.91 -24.81 25.47
CA PHE B 105 10.95 -23.36 25.29
C PHE B 105 9.82 -22.81 24.46
N LEU B 106 9.48 -21.55 24.75
CA LEU B 106 8.72 -20.72 23.82
C LEU B 106 9.70 -20.14 22.80
N LEU B 107 9.27 -20.05 21.54
CA LEU B 107 10.11 -19.45 20.49
C LEU B 107 9.43 -18.22 19.89
N TYR B 108 10.07 -17.07 20.12
CA TYR B 108 9.58 -15.79 19.63
C TYR B 108 10.20 -15.50 18.28
N ASN B 109 9.35 -15.44 17.27
CA ASN B 109 9.71 -14.97 15.94
C ASN B 109 9.12 -13.57 15.75
N ILE B 110 9.99 -12.56 15.75
CA ILE B 110 9.52 -11.17 15.75
C ILE B 110 10.11 -10.33 14.64
N TYR B 111 9.24 -9.57 13.97
CA TYR B 111 9.69 -8.52 13.07
C TYR B 111 9.40 -7.20 13.77
N PHE B 112 10.42 -6.64 14.42
CA PHE B 112 10.31 -5.40 15.15
C PHE B 112 10.21 -4.19 14.19
N PRO B 113 9.40 -3.17 14.52
CA PRO B 113 9.13 -2.07 13.58
C PRO B 113 10.37 -1.26 13.20
N ASN B 114 10.48 -0.91 11.93
CA ASN B 114 11.46 0.05 11.47
C ASN B 114 10.98 1.43 11.90
N GLY B 115 11.91 2.29 12.33
CA GLY B 115 11.54 3.58 12.87
C GLY B 115 11.97 4.79 12.07
N LYS B 116 12.48 4.55 10.87
CA LYS B 116 13.12 5.60 10.06
C LYS B 116 12.20 6.63 9.42
N MET B 117 10.97 6.25 9.07
CA MET B 117 10.17 7.13 8.23
C MET B 117 9.43 8.24 8.96
N SER B 118 9.18 8.08 10.26
CA SER B 118 8.42 9.09 10.99
C SER B 118 8.67 9.03 12.49
N GLU B 119 8.51 10.18 13.12
CA GLU B 119 8.46 10.30 14.57
C GLU B 119 7.47 9.32 15.15
N GLU B 120 6.29 9.29 14.53
CA GLU B 120 5.19 8.48 15.03
C GLU B 120 5.49 6.99 14.93
N ARG B 121 6.26 6.61 13.91
CA ARG B 121 6.70 5.21 13.73
C ARG B 121 7.81 4.81 14.70
N LEU B 122 8.76 5.73 14.89
CA LEU B 122 9.78 5.59 15.93
C LEU B 122 9.14 5.38 17.30
N LYS B 123 8.08 6.14 17.57
CA LYS B 123 7.30 5.98 18.80
C LYS B 123 6.65 4.62 18.84
N TYR B 124 6.02 4.22 17.73
CA TYR B 124 5.42 2.89 17.62
C TYR B 124 6.46 1.79 17.94
N LYS B 125 7.68 1.98 17.47
CA LYS B 125 8.78 1.03 17.67
C LYS B 125 9.11 0.82 19.13
N LEU B 126 9.29 1.93 19.85
CA LEU B 126 9.64 1.89 21.26
C LEU B 126 8.51 1.37 22.14
N GLU B 127 7.28 1.64 21.73
CA GLU B 127 6.13 1.13 22.48
C GLU B 127 5.94 -0.36 22.21
N PHE B 128 6.34 -0.79 21.01
CA PHE B 128 6.37 -2.21 20.66
C PHE B 128 7.40 -2.89 21.56
N TYR B 129 8.62 -2.34 21.53
CA TYR B 129 9.70 -2.76 22.40
C TYR B 129 9.18 -3.00 23.81
N ASP B 130 8.43 -2.03 24.34
CA ASP B 130 7.92 -2.09 25.70
C ASP B 130 6.98 -3.26 25.86
N ALA B 131 5.94 -3.31 25.04
CA ALA B 131 4.96 -4.40 25.06
C ALA B 131 5.66 -5.77 25.00
N PHE B 132 6.64 -5.87 24.10
CA PHE B 132 7.45 -7.09 23.99
C PHE B 132 8.08 -7.51 25.31
N LEU B 133 8.83 -6.59 25.95
CA LEU B 133 9.49 -6.86 27.25
C LEU B 133 8.52 -7.41 28.29
N GLU B 134 7.40 -6.71 28.51
CA GLU B 134 6.40 -7.16 29.46
C GLU B 134 6.02 -8.62 29.20
N ASP B 135 5.68 -8.88 27.93
CA ASP B 135 5.27 -10.19 27.49
C ASP B 135 6.30 -11.26 27.79
N VAL B 136 7.53 -11.04 27.33
CA VAL B 136 8.59 -12.05 27.51
C VAL B 136 8.95 -12.23 28.99
N ASN B 137 8.86 -11.14 29.77
CA ASN B 137 9.10 -11.20 31.19
C ASN B 137 8.03 -12.00 31.92
N ARG B 138 6.75 -11.71 31.67
CA ARG B 138 5.68 -12.51 32.27
C ARG B 138 5.96 -14.01 32.09
N GLU B 139 6.23 -14.43 30.85
CA GLU B 139 6.48 -15.83 30.51
C GLU B 139 7.71 -16.42 31.20
N ARG B 140 8.80 -15.65 31.24
CA ARG B 140 10.04 -16.10 31.86
C ARG B 140 9.86 -16.20 33.38
N ASP B 141 9.18 -15.21 33.95
CA ASP B 141 8.82 -15.18 35.36
C ASP B 141 7.94 -16.35 35.74
N SER B 142 7.11 -16.82 34.81
CA SER B 142 6.22 -17.93 35.08
C SER B 142 7.01 -19.24 35.07
N GLY B 143 8.26 -19.18 34.63
CA GLY B 143 9.15 -20.32 34.69
C GLY B 143 9.63 -20.81 33.33
N ARG B 144 8.98 -20.32 32.28
CA ARG B 144 9.24 -20.75 30.91
C ARG B 144 10.60 -20.28 30.41
N ASN B 145 11.28 -21.15 29.69
CA ASN B 145 12.49 -20.79 28.97
C ASN B 145 12.14 -20.28 27.57
N VAL B 146 12.92 -19.32 27.08
CA VAL B 146 12.49 -18.57 25.89
C VAL B 146 13.62 -18.30 24.90
N ILE B 147 13.36 -18.59 23.63
CA ILE B 147 14.25 -18.15 22.58
C ILE B 147 13.57 -17.05 21.77
N ILE B 148 14.28 -15.96 21.58
CA ILE B 148 13.74 -14.80 20.88
C ILE B 148 14.55 -14.55 19.64
N CYS B 149 13.93 -14.70 18.47
CA CYS B 149 14.64 -14.36 17.25
C CYS B 149 13.90 -13.38 16.35
N GLY B 150 14.66 -12.74 15.47
CA GLY B 150 14.08 -11.80 14.56
C GLY B 150 14.91 -10.58 14.24
N ASP B 151 14.23 -9.65 13.59
CA ASP B 151 14.80 -8.40 13.10
C ASP B 151 14.43 -7.37 14.13
N PHE B 152 15.42 -7.03 14.94
CA PHE B 152 15.27 -6.04 15.98
C PHE B 152 15.29 -4.60 15.47
N ASN B 153 15.82 -4.40 14.26
CA ASN B 153 15.92 -3.07 13.64
C ASN B 153 16.79 -2.07 14.40
N THR B 154 17.71 -2.59 15.21
CA THR B 154 18.67 -1.77 15.97
C THR B 154 19.98 -2.52 16.21
N ALA B 155 21.10 -1.88 15.88
CA ALA B 155 22.40 -2.36 16.30
C ALA B 155 22.63 -1.84 17.73
N HIS B 156 23.27 -2.67 18.56
CA HIS B 156 23.41 -2.41 20.01
C HIS B 156 24.60 -1.51 20.38
N ARG B 157 25.81 -1.97 20.02
CA ARG B 157 27.06 -1.29 20.36
C ARG B 157 27.73 -0.74 19.11
N GLU B 158 28.78 0.07 19.31
CA GLU B 158 29.50 0.70 18.21
C GLU B 158 30.09 -0.31 17.22
N ILE B 159 30.44 -1.49 17.73
CA ILE B 159 31.02 -2.58 16.92
C ILE B 159 29.96 -3.29 16.06
N ASP B 160 28.69 -2.96 16.33
CA ASP B 160 27.57 -3.62 15.66
C ASP B 160 27.25 -3.07 14.24
N LEU B 161 27.76 -1.88 13.94
CA LEU B 161 27.62 -1.34 12.58
C LEU B 161 28.95 -0.78 12.10
N ALA B 162 29.15 -0.78 10.78
CA ALA B 162 30.34 -0.22 10.15
C ALA B 162 30.51 1.29 10.38
N ARG B 163 29.45 2.06 10.20
CA ARG B 163 29.53 3.52 10.33
C ARG B 163 28.70 4.08 11.49
N PRO B 164 29.21 3.94 12.74
CA PRO B 164 28.46 4.33 13.95
C PRO B 164 28.28 5.83 14.21
N LYS B 165 29.25 6.65 13.79
CA LYS B 165 29.23 8.08 14.13
C LYS B 165 28.23 8.85 13.28
N GLU B 166 28.26 8.61 11.96
CA GLU B 166 27.33 9.26 11.05
C GLU B 166 25.87 8.87 11.31
N ASN B 167 25.67 7.71 11.93
CA ASN B 167 24.31 7.18 12.13
C ASN B 167 23.80 7.34 13.55
N SER B 168 24.56 8.05 14.38
CA SER B 168 24.17 8.31 15.77
C SER B 168 22.86 9.10 15.87
N ASN B 169 22.51 9.81 14.81
CA ASN B 169 21.24 10.50 14.74
C ASN B 169 20.20 9.80 13.82
N VAL B 170 20.60 8.66 13.25
CA VAL B 170 19.71 7.84 12.40
C VAL B 170 19.00 6.75 13.23
N SER B 171 17.67 6.64 13.07
CA SER B 171 16.91 5.57 13.73
C SER B 171 17.46 4.19 13.34
N GLY B 172 17.72 3.36 14.36
CA GLY B 172 18.48 2.13 14.17
C GLY B 172 19.79 2.14 14.93
N PHE B 173 20.22 3.33 15.35
CA PHE B 173 21.39 3.50 16.23
C PHE B 173 21.19 4.73 17.14
N LEU B 174 19.95 5.18 17.25
CA LEU B 174 19.60 6.22 18.21
C LEU B 174 19.96 5.74 19.62
N PRO B 175 20.44 6.67 20.47
CA PRO B 175 20.70 6.34 21.87
C PRO B 175 19.49 5.73 22.58
N VAL B 176 18.28 6.23 22.30
CA VAL B 176 17.06 5.70 22.95
C VAL B 176 16.84 4.22 22.65
N GLU B 177 17.21 3.84 21.42
CA GLU B 177 17.01 2.48 20.92
C GLU B 177 18.04 1.53 21.51
N ARG B 178 19.30 1.97 21.57
CA ARG B 178 20.37 1.17 22.14
C ARG B 178 20.18 0.99 23.65
N ALA B 179 19.62 2.01 24.29
CA ALA B 179 19.30 1.98 25.72
C ALA B 179 18.32 0.86 25.99
N TRP B 180 17.34 0.71 25.10
CA TRP B 180 16.34 -0.32 25.30
C TRP B 180 16.95 -1.73 25.23
N ILE B 181 17.87 -1.94 24.30
CA ILE B 181 18.55 -3.22 24.24
C ILE B 181 19.31 -3.47 25.54
N ASP B 182 20.07 -2.45 26.00
CA ASP B 182 20.72 -2.47 27.32
C ASP B 182 19.75 -2.96 28.39
N LYS B 183 18.64 -2.26 28.55
CA LYS B 183 17.59 -2.61 29.51
C LYS B 183 17.09 -4.04 29.29
N PHE B 184 16.82 -4.38 28.04
CA PHE B 184 16.39 -5.73 27.67
C PHE B 184 17.35 -6.76 28.25
N ILE B 185 18.64 -6.60 27.95
CA ILE B 185 19.68 -7.53 28.41
C ILE B 185 19.72 -7.61 29.95
N GLU B 186 19.62 -6.45 30.60
CA GLU B 186 19.59 -6.33 32.07
C GLU B 186 18.46 -7.11 32.71
N ASN B 187 17.36 -7.30 32.00
CA ASN B 187 16.26 -8.11 32.52
C ASN B 187 16.55 -9.64 32.45
N GLY B 188 17.77 -10.00 32.07
CA GLY B 188 18.21 -11.40 32.17
C GLY B 188 18.16 -12.17 30.89
N TYR B 189 18.60 -11.52 29.80
CA TYR B 189 18.61 -12.13 28.50
C TYR B 189 19.95 -11.87 27.83
N VAL B 190 20.34 -12.79 26.94
CA VAL B 190 21.69 -12.80 26.42
C VAL B 190 21.70 -12.82 24.90
N ASP B 191 22.61 -12.03 24.33
CA ASP B 191 22.76 -11.90 22.90
C ASP B 191 23.60 -13.08 22.42
N THR B 192 22.96 -14.20 22.15
CA THR B 192 23.69 -15.45 21.93
C THR B 192 24.89 -15.33 21.00
N PHE B 193 24.83 -14.45 20.00
CA PHE B 193 25.96 -14.30 19.08
C PHE B 193 27.21 -13.81 19.83
N ARG B 194 27.01 -12.87 20.74
CA ARG B 194 28.12 -12.25 21.47
C ARG B 194 28.81 -13.20 22.45
N MET B 195 28.10 -14.27 22.83
CA MET B 195 28.67 -15.39 23.60
C MET B 195 29.84 -16.08 22.90
N PHE B 196 29.77 -16.17 21.57
CA PHE B 196 30.73 -16.94 20.78
C PHE B 196 31.65 -16.10 19.88
N ASN B 197 31.30 -14.83 19.68
CA ASN B 197 32.03 -13.99 18.74
C ASN B 197 32.05 -12.52 19.13
N SER B 198 33.26 -11.99 19.31
CA SER B 198 33.48 -10.60 19.72
C SER B 198 34.21 -9.78 18.64
N ASP B 199 34.37 -10.37 17.46
CA ASP B 199 34.90 -9.67 16.28
C ASP B 199 33.99 -8.53 15.81
N PRO B 200 34.60 -7.47 15.24
CA PRO B 200 33.85 -6.42 14.54
C PRO B 200 33.48 -6.91 13.15
N GLY B 201 32.83 -6.05 12.37
CA GLY B 201 32.53 -6.38 10.96
C GLY B 201 31.64 -7.60 10.74
N GLN B 202 30.87 -7.97 11.77
CA GLN B 202 29.87 -9.04 11.68
C GLN B 202 28.48 -8.41 11.55
N TYR B 203 27.95 -8.41 10.35
CA TYR B 203 26.69 -7.71 10.08
C TYR B 203 25.63 -8.64 9.50
N THR B 204 24.37 -8.22 9.55
CA THR B 204 23.25 -9.04 9.05
C THR B 204 22.41 -8.34 7.98
N TRP B 205 22.53 -7.01 7.92
CA TRP B 205 21.81 -6.21 6.93
C TRP B 205 22.75 -5.22 6.23
N TRP B 206 22.57 -5.05 4.94
CA TRP B 206 23.32 -4.05 4.17
C TRP B 206 22.36 -3.36 3.23
N SER B 207 22.44 -2.03 3.19
CA SER B 207 21.63 -1.21 2.29
C SER B 207 21.80 -1.62 0.82
N TYR B 208 20.68 -1.60 0.11
CA TYR B 208 20.67 -1.89 -1.31
C TYR B 208 21.29 -0.75 -2.12
N ARG B 209 20.96 0.48 -1.73
CA ARG B 209 21.31 1.72 -2.43
C ARG B 209 22.80 1.87 -2.78
N THR B 210 23.65 1.51 -1.83
CA THR B 210 25.08 1.75 -1.96
C THR B 210 25.83 0.58 -2.61
N ARG B 211 25.12 -0.54 -2.82
CA ARG B 211 25.76 -1.82 -3.09
C ARG B 211 26.75 -2.12 -1.94
N ALA B 212 26.30 -1.79 -0.73
CA ALA B 212 27.09 -1.87 0.51
C ALA B 212 27.58 -3.26 0.86
N ARG B 213 26.89 -4.29 0.38
CA ARG B 213 27.17 -5.65 0.80
C ARG B 213 28.55 -6.14 0.35
N GLU B 214 28.96 -5.77 -0.85
CA GLU B 214 30.30 -6.15 -1.34
C GLU B 214 31.40 -5.34 -0.65
N ARG B 215 31.08 -4.10 -0.28
CA ARG B 215 31.96 -3.29 0.55
C ARG B 215 31.91 -3.69 2.03
N ASN B 216 30.93 -4.53 2.39
CA ASN B 216 30.69 -4.98 3.78
C ASN B 216 30.36 -3.86 4.78
N VAL B 217 29.67 -2.84 4.29
CA VAL B 217 29.26 -1.71 5.12
C VAL B 217 27.87 -1.98 5.71
N GLY B 218 27.82 -2.84 6.73
CA GLY B 218 26.54 -3.31 7.24
C GLY B 218 26.19 -2.94 8.67
N TRP B 219 25.08 -3.51 9.14
CA TRP B 219 24.63 -3.39 10.53
C TRP B 219 24.25 -4.77 10.97
N ARG B 220 24.24 -5.00 12.28
CA ARG B 220 23.70 -6.25 12.82
C ARG B 220 22.36 -5.89 13.40
N LEU B 221 21.30 -6.32 12.73
CA LEU B 221 19.92 -6.00 13.13
C LEU B 221 19.15 -7.25 13.54
N ASP B 222 19.74 -8.40 13.26
CA ASP B 222 19.07 -9.67 13.47
C ASP B 222 19.80 -10.44 14.56
N TYR B 223 19.05 -10.90 15.56
CA TYR B 223 19.64 -11.49 16.76
C TYR B 223 18.92 -12.72 17.21
N PHE B 224 19.65 -13.61 17.86
CA PHE B 224 19.06 -14.64 18.72
C PHE B 224 19.30 -14.29 20.18
N PHE B 225 18.25 -14.09 20.95
CA PHE B 225 18.37 -13.94 22.41
C PHE B 225 17.75 -15.12 23.15
N VAL B 226 18.37 -15.47 24.27
CA VAL B 226 17.77 -16.42 25.24
C VAL B 226 17.76 -15.80 26.62
N ASN B 227 16.86 -16.26 27.48
CA ASN B 227 16.99 -15.96 28.91
C ASN B 227 18.25 -16.67 29.43
N GLU B 228 18.91 -16.07 30.42
CA GLU B 228 20.22 -16.57 30.87
C GLU B 228 20.19 -18.01 31.45
N GLU B 229 19.10 -18.36 32.14
CA GLU B 229 18.91 -19.69 32.70
C GLU B 229 19.06 -20.77 31.64
N PHE B 230 18.80 -20.40 30.39
CA PHE B 230 18.80 -21.33 29.26
C PHE B 230 20.14 -21.24 28.52
N LYS B 231 20.91 -20.22 28.85
CA LYS B 231 22.22 -19.99 28.23
C LYS B 231 23.05 -21.26 28.11
N GLY B 232 22.95 -22.12 29.13
CA GLY B 232 23.66 -23.40 29.14
C GLY B 232 23.45 -24.24 27.88
N LYS B 233 22.24 -24.19 27.33
CA LYS B 233 21.85 -25.03 26.19
C LYS B 233 22.36 -24.56 24.82
N VAL B 234 22.79 -23.30 24.70
CA VAL B 234 23.19 -22.80 23.38
C VAL B 234 24.62 -23.17 22.99
N LYS B 235 24.74 -24.08 22.02
CA LYS B 235 26.04 -24.56 21.55
C LYS B 235 26.62 -23.76 20.41
N ARG B 236 25.77 -23.06 19.65
CA ARG B 236 26.28 -22.26 18.54
C ARG B 236 25.34 -21.13 18.19
N SER B 237 25.91 -20.01 17.72
CA SER B 237 25.12 -18.86 17.29
C SER B 237 25.88 -18.07 16.23
N TRP B 238 25.53 -18.25 14.95
CA TRP B 238 26.32 -17.66 13.85
C TRP B 238 25.53 -16.88 12.79
N ILE B 239 26.26 -16.21 11.90
CA ILE B 239 25.67 -15.45 10.82
C ILE B 239 25.97 -16.12 9.48
N LEU B 240 24.93 -16.55 8.77
CA LEU B 240 25.07 -17.17 7.44
C LEU B 240 25.26 -16.13 6.32
N SER B 241 26.41 -15.44 6.32
CA SER B 241 26.69 -14.36 5.34
C SER B 241 26.72 -14.86 3.92
N ASP B 242 26.86 -16.17 3.77
CA ASP B 242 27.03 -16.84 2.47
C ASP B 242 25.80 -16.70 1.55
N VAL B 243 24.65 -16.46 2.17
CA VAL B 243 23.35 -16.64 1.54
C VAL B 243 22.80 -15.32 1.01
N MET B 244 22.43 -15.32 -0.26
CA MET B 244 21.93 -14.09 -0.90
C MET B 244 20.42 -14.17 -1.03
N GLY B 245 19.81 -13.08 -1.47
CA GLY B 245 18.38 -13.09 -1.81
C GLY B 245 17.58 -12.00 -1.17
N SER B 246 18.18 -11.31 -0.20
CA SER B 246 17.49 -10.35 0.61
C SER B 246 18.52 -9.34 1.06
N ASP B 247 18.07 -8.18 1.56
CA ASP B 247 19.00 -7.21 2.09
C ASP B 247 19.51 -7.68 3.46
N HIS B 248 18.81 -8.63 4.07
CA HIS B 248 19.34 -9.29 5.26
C HIS B 248 19.91 -10.64 4.87
N CYS B 249 20.82 -11.15 5.67
CA CYS B 249 21.18 -12.56 5.54
C CYS B 249 20.57 -13.32 6.72
N PRO B 250 20.44 -14.65 6.61
CA PRO B 250 19.94 -15.42 7.76
C PRO B 250 20.97 -15.57 8.86
N ILE B 251 20.48 -15.74 10.09
CA ILE B 251 21.30 -16.11 11.26
C ILE B 251 20.87 -17.48 11.78
N GLY B 252 21.79 -18.13 12.50
CA GLY B 252 21.60 -19.52 12.93
C GLY B 252 21.80 -19.68 14.42
N LEU B 253 21.06 -20.65 14.99
CA LEU B 253 21.20 -21.05 16.38
C LEU B 253 21.10 -22.57 16.53
N GLU B 254 22.04 -23.13 17.30
CA GLU B 254 22.03 -24.57 17.62
C GLU B 254 21.94 -24.78 19.10
N ILE B 255 20.96 -25.57 19.53
CA ILE B 255 20.82 -25.89 20.95
C ILE B 255 20.86 -27.40 21.25
P UPS C 5 1.35 -7.60 -3.36
S1P UPS C 5 1.75 -8.02 -4.73
OP2 UPS C 5 0.42 -8.41 -2.54
O5' UPS C 5 0.73 -6.14 -3.46
C5' UPS C 5 0.30 -5.43 -2.31
C4' UPS C 5 -0.47 -4.22 -2.80
O4' UPS C 5 0.45 -3.33 -3.48
C1' UPS C 5 -0.10 -2.88 -4.69
N1 UPS C 5 1.01 -2.48 -5.63
C2 UPS C 5 1.18 -1.15 -5.97
O2 UPS C 5 0.47 -0.24 -5.57
N3 UPS C 5 2.21 -0.88 -6.85
C4 UPS C 5 3.08 -1.80 -7.38
O4 UPS C 5 3.97 -1.43 -8.15
C5 UPS C 5 2.85 -3.18 -6.98
C6 UPS C 5 1.85 -3.45 -6.14
C2' UPS C 5 -1.00 -4.03 -5.15
C3' UPS C 5 -1.55 -4.56 -3.82
O3' UPS C 5 -2.75 -3.93 -3.43
P PO4 E . -8.11 4.16 -14.40
O1 PO4 E . -7.74 2.93 -15.22
O2 PO4 E . -9.16 4.86 -15.21
O3 PO4 E . -8.60 3.80 -13.00
O4 PO4 E . -6.87 5.03 -14.33
MG MG F . -4.85 5.97 -13.76
P PO4 G . 14.16 -3.58 7.93
O1 PO4 G . 15.37 -4.04 8.72
O2 PO4 G . 12.89 -3.53 8.77
O3 PO4 G . 14.40 -2.16 7.46
O4 PO4 G . 13.99 -4.47 6.72
MG MG H . 14.08 -5.44 4.66
P PO4 I . 7.31 -2.16 -20.78
O1 PO4 I . 7.83 -3.57 -20.68
O2 PO4 I . 7.47 -1.49 -19.44
O3 PO4 I . 8.12 -1.42 -21.84
O4 PO4 I . 5.86 -2.16 -21.18
#